data_6A0V
#
_entry.id   6A0V
#
_cell.length_a   137.845
_cell.length_b   137.845
_cell.length_c   111.833
_cell.angle_alpha   90.00
_cell.angle_beta   90.00
_cell.angle_gamma   90.00
#
_symmetry.space_group_name_H-M   'I 4 2 2'
#
loop_
_entity.id
_entity.type
_entity.pdbx_description
1 polymer '4-hydroxymandelate oxidase'
2 non-polymer 'FLAVIN MONONUCLEOTIDE'
3 non-polymer '(S)-MANDELIC ACID'
4 water water
#
_entity_poly.entity_id   1
_entity_poly.type   'polypeptide(L)'
_entity_poly.pdbx_seq_one_letter_code
;MGSSHHHHHHSSGLVPRGSHMTYVSLADLERAARDVLPGEIFDFLAGGSGTEASLVANRTALERVFVIPRMLRDLTDVTT
EIDIFGRRAALPMAVAPVAYQRLFHPEGELAVARAARDAGVPYTICTLSSVSLEEIAAVGGRPWFQLFWLRDEKRSLDLV
RRAEDAGCEAIVFTVDVPWMGRRLRDMRNGFALPEWVTAANFDAGTAAHRRTQGVSAVADHTAREFAPATWESVEAVRAH
TDLPVVLKGILAVEDARRAVDAGAGGIVVSNHGGRQLDGAVPGIEMLGEIVAAVSGGCEVLVDGGIRSGGDVLKATALGA
SAVLVGRPVMWALAAAGQDGVRQLLELLAEEVRDAMGLAGCESVGAARRLNTKLGVV
;
_entity_poly.pdbx_strand_id   A
#
# COMPACT_ATOMS: atom_id res chain seq x y z
N THR A 22 -9.49 -23.56 0.90
CA THR A 22 -8.33 -23.13 0.07
C THR A 22 -8.75 -22.01 -0.90
N TYR A 23 -8.08 -20.87 -0.82
CA TYR A 23 -8.40 -19.71 -1.65
C TYR A 23 -7.58 -19.78 -2.93
N VAL A 24 -8.24 -19.66 -4.08
CA VAL A 24 -7.54 -19.67 -5.38
C VAL A 24 -7.46 -18.30 -6.04
N SER A 25 -8.17 -17.31 -5.49
CA SER A 25 -8.05 -15.90 -5.92
C SER A 25 -8.32 -14.98 -4.73
N LEU A 26 -7.93 -13.71 -4.87
CA LEU A 26 -8.22 -12.70 -3.84
C LEU A 26 -9.72 -12.46 -3.67
N ALA A 27 -10.48 -12.66 -4.74
CA ALA A 27 -11.95 -12.52 -4.68
C ALA A 27 -12.61 -13.53 -3.74
N ASP A 28 -12.02 -14.71 -3.57
CA ASP A 28 -12.49 -15.68 -2.56
C ASP A 28 -12.42 -15.06 -1.15
N LEU A 29 -11.37 -14.29 -0.87
CA LEU A 29 -11.21 -13.65 0.44
C LEU A 29 -12.22 -12.54 0.70
N GLU A 30 -12.58 -11.74 -0.32
N GLU A 30 -12.56 -11.77 -0.34
CA GLU A 30 -13.61 -10.69 -0.13
CA GLU A 30 -13.57 -10.72 -0.25
C GLU A 30 -14.94 -11.33 0.27
C GLU A 30 -14.93 -11.28 0.18
N ARG A 31 -15.32 -12.41 -0.43
CA ARG A 31 -16.57 -13.11 -0.13
C ARG A 31 -16.57 -13.59 1.33
N ALA A 32 -15.47 -14.20 1.75
CA ALA A 32 -15.29 -14.64 3.14
C ALA A 32 -15.41 -13.49 4.15
N ALA A 33 -14.79 -12.35 3.84
CA ALA A 33 -14.83 -11.19 4.73
C ALA A 33 -16.22 -10.56 4.85
N ARG A 34 -16.95 -10.52 3.74
CA ARG A 34 -18.31 -9.98 3.75
C ARG A 34 -19.23 -10.82 4.63
N ASP A 35 -19.05 -12.14 4.60
CA ASP A 35 -19.84 -13.05 5.46
C ASP A 35 -19.66 -12.75 6.95
N VAL A 36 -18.40 -12.59 7.38
CA VAL A 36 -18.08 -12.45 8.81
C VAL A 36 -18.25 -11.03 9.38
N LEU A 37 -17.90 -9.99 8.63
CA LEU A 37 -17.87 -8.64 9.20
C LEU A 37 -19.25 -8.03 9.34
N PRO A 38 -19.48 -7.24 10.40
CA PRO A 38 -20.67 -6.40 10.47
C PRO A 38 -20.73 -5.46 9.28
N GLY A 39 -21.91 -5.24 8.74
CA GLY A 39 -22.10 -4.42 7.53
C GLY A 39 -21.39 -3.08 7.55
N GLU A 40 -21.51 -2.35 8.66
CA GLU A 40 -20.93 -1.01 8.77
CA GLU A 40 -20.92 -1.00 8.76
C GLU A 40 -19.39 -1.05 8.75
N ILE A 41 -18.81 -2.12 9.29
CA ILE A 41 -17.36 -2.30 9.25
C ILE A 41 -16.92 -2.70 7.85
N PHE A 42 -17.64 -3.62 7.20
CA PHE A 42 -17.37 -3.92 5.80
C PHE A 42 -17.43 -2.66 4.94
N ASP A 43 -18.42 -1.80 5.20
CA ASP A 43 -18.56 -0.54 4.46
C ASP A 43 -17.42 0.43 4.72
N PHE A 44 -16.97 0.53 5.97
CA PHE A 44 -15.79 1.34 6.30
C PHE A 44 -14.58 0.88 5.48
N LEU A 45 -14.42 -0.42 5.35
CA LEU A 45 -13.32 -1.02 4.59
C LEU A 45 -13.48 -0.85 3.08
N ALA A 46 -14.65 -1.18 2.55
CA ALA A 46 -14.88 -1.24 1.09
C ALA A 46 -15.05 0.14 0.47
N GLY A 47 -15.63 1.06 1.22
CA GLY A 47 -16.11 2.30 0.65
C GLY A 47 -15.05 3.28 0.17
N GLY A 48 -15.53 4.25 -0.61
CA GLY A 48 -14.75 5.39 -1.04
C GLY A 48 -15.50 6.66 -0.75
N SER A 49 -14.96 7.78 -1.23
CA SER A 49 -15.61 9.07 -1.04
C SER A 49 -16.64 9.32 -2.14
N GLY A 50 -17.58 10.20 -1.84
CA GLY A 50 -18.55 10.68 -2.83
C GLY A 50 -19.30 9.59 -3.52
N THR A 51 -19.32 9.65 -4.85
CA THR A 51 -20.00 8.65 -5.68
C THR A 51 -19.18 7.38 -5.92
N GLU A 52 -18.00 7.30 -5.33
CA GLU A 52 -17.08 6.17 -5.49
C GLU A 52 -16.56 6.03 -6.92
N ALA A 53 -16.52 7.15 -7.64
CA ALA A 53 -15.98 7.17 -9.01
C ALA A 53 -14.52 6.74 -9.06
N SER A 54 -13.71 7.24 -8.12
CA SER A 54 -12.28 6.92 -8.09
C SER A 54 -12.03 5.51 -7.62
N LEU A 55 -12.85 5.02 -6.70
CA LEU A 55 -12.77 3.64 -6.26
C LEU A 55 -12.97 2.68 -7.43
N VAL A 56 -14.02 2.91 -8.20
CA VAL A 56 -14.29 2.07 -9.37
C VAL A 56 -13.21 2.24 -10.44
N ALA A 57 -12.77 3.48 -10.67
CA ALA A 57 -11.76 3.74 -11.70
C ALA A 57 -10.43 3.04 -11.43
N ASN A 58 -10.09 2.84 -10.15
CA ASN A 58 -8.86 2.09 -9.85
C ASN A 58 -8.91 0.70 -10.48
N ARG A 59 -10.07 0.06 -10.42
CA ARG A 59 -10.24 -1.25 -11.04
C ARG A 59 -10.34 -1.14 -12.55
N THR A 60 -11.10 -0.19 -13.06
CA THR A 60 -11.24 0.01 -14.50
C THR A 60 -9.88 0.19 -15.15
N ALA A 61 -9.05 1.02 -14.56
CA ALA A 61 -7.75 1.32 -15.14
C ALA A 61 -6.88 0.07 -15.25
N LEU A 62 -6.83 -0.75 -14.21
CA LEU A 62 -6.04 -1.99 -14.28
C LEU A 62 -6.60 -2.95 -15.30
N GLU A 63 -7.92 -3.04 -15.38
CA GLU A 63 -8.56 -3.96 -16.34
C GLU A 63 -8.34 -3.56 -17.80
N ARG A 64 -8.07 -2.28 -18.05
CA ARG A 64 -7.78 -1.81 -19.41
C ARG A 64 -6.36 -2.15 -19.87
N VAL A 65 -5.46 -2.45 -18.94
CA VAL A 65 -4.06 -2.69 -19.27
C VAL A 65 -3.89 -4.15 -19.67
N PHE A 66 -3.28 -4.39 -20.81
CA PHE A 66 -2.83 -5.71 -21.22
C PHE A 66 -1.33 -5.70 -21.35
N VAL A 67 -0.71 -6.82 -21.00
CA VAL A 67 0.73 -7.01 -21.05
C VAL A 67 1.11 -7.68 -22.37
N ILE A 68 2.24 -7.28 -22.93
CA ILE A 68 2.83 -7.93 -24.10
C ILE A 68 3.97 -8.83 -23.57
N PRO A 69 3.69 -10.13 -23.37
CA PRO A 69 4.70 -11.00 -22.78
C PRO A 69 5.83 -11.33 -23.74
N ARG A 70 6.99 -11.65 -23.19
CA ARG A 70 8.12 -12.15 -23.95
C ARG A 70 8.21 -13.65 -23.78
N MET A 71 8.71 -14.31 -24.80
CA MET A 71 8.83 -15.77 -24.80
C MET A 71 10.27 -16.20 -24.90
N LEU A 72 10.51 -17.44 -24.50
CA LEU A 72 11.76 -18.15 -24.78
C LEU A 72 12.99 -17.62 -24.05
N ARG A 73 12.74 -16.99 -22.90
CA ARG A 73 13.80 -16.46 -22.06
CA ARG A 73 13.81 -16.46 -22.07
C ARG A 73 14.15 -17.47 -20.97
N ASP A 74 15.37 -17.34 -20.44
CA ASP A 74 15.83 -18.22 -19.36
C ASP A 74 15.01 -17.99 -18.10
N LEU A 75 14.33 -19.04 -17.64
CA LEU A 75 13.54 -19.00 -16.41
C LEU A 75 14.04 -20.03 -15.39
N THR A 76 15.34 -20.33 -15.39
N THR A 76 15.34 -20.32 -15.42
CA THR A 76 15.88 -21.34 -14.48
CA THR A 76 15.95 -21.28 -14.49
C THR A 76 15.94 -20.87 -13.02
C THR A 76 15.75 -20.84 -13.04
N ASP A 77 16.00 -19.57 -12.79
CA ASP A 77 16.00 -19.01 -11.42
C ASP A 77 15.09 -17.77 -11.33
N VAL A 78 13.79 -17.96 -11.53
CA VAL A 78 12.83 -16.83 -11.43
C VAL A 78 12.84 -16.38 -9.98
N THR A 79 13.02 -15.07 -9.78
CA THR A 79 12.97 -14.49 -8.45
C THR A 79 12.04 -13.29 -8.47
N THR A 80 11.17 -13.23 -7.47
CA THR A 80 10.28 -12.10 -7.27
C THR A 80 10.82 -11.05 -6.30
N GLU A 81 12.07 -11.21 -5.85
CA GLU A 81 12.63 -10.33 -4.85
C GLU A 81 12.98 -8.95 -5.41
N ILE A 82 12.92 -7.95 -4.55
CA ILE A 82 13.43 -6.63 -4.85
C ILE A 82 14.26 -6.14 -3.68
N ASP A 83 15.09 -5.14 -3.94
CA ASP A 83 15.74 -4.37 -2.90
C ASP A 83 15.07 -3.03 -2.86
N ILE A 84 14.63 -2.61 -1.67
CA ILE A 84 13.99 -1.32 -1.52
C ILE A 84 14.26 -0.75 -0.13
N PHE A 85 14.68 0.52 -0.10
CA PHE A 85 15.03 1.23 1.14
C PHE A 85 16.05 0.45 1.97
N GLY A 86 17.02 -0.12 1.27
CA GLY A 86 18.18 -0.78 1.89
C GLY A 86 17.98 -2.21 2.32
N ARG A 87 16.85 -2.83 1.99
CA ARG A 87 16.63 -4.21 2.38
C ARG A 87 15.89 -5.01 1.32
N ARG A 88 16.11 -6.32 1.34
CA ARG A 88 15.46 -7.25 0.45
C ARG A 88 14.01 -7.41 0.88
N ALA A 89 13.10 -7.48 -0.10
CA ALA A 89 11.72 -7.88 0.11
C ALA A 89 11.46 -9.07 -0.80
N ALA A 90 10.59 -9.98 -0.36
CA ALA A 90 10.35 -11.24 -1.06
C ALA A 90 9.53 -11.06 -2.34
N LEU A 91 8.77 -9.98 -2.39
CA LEU A 91 7.89 -9.63 -3.50
C LEU A 91 7.97 -8.13 -3.72
N PRO A 92 7.59 -7.62 -4.91
CA PRO A 92 7.52 -6.17 -5.12
C PRO A 92 6.21 -5.63 -4.56
N MET A 93 6.06 -5.76 -3.24
CA MET A 93 4.80 -5.49 -2.58
CA MET A 93 4.80 -5.43 -2.60
C MET A 93 5.03 -5.19 -1.11
N ALA A 94 4.20 -4.31 -0.56
CA ALA A 94 4.13 -4.06 0.88
C ALA A 94 2.67 -3.97 1.27
N VAL A 95 2.40 -4.20 2.55
CA VAL A 95 1.06 -4.01 3.08
C VAL A 95 0.82 -2.51 3.24
N ALA A 96 -0.26 -2.02 2.64
CA ALA A 96 -0.59 -0.60 2.72
C ALA A 96 -0.96 -0.22 4.14
N PRO A 97 -0.76 1.05 4.51
CA PRO A 97 -1.30 1.54 5.79
C PRO A 97 -2.83 1.52 5.78
N VAL A 98 -3.42 0.78 6.70
CA VAL A 98 -4.86 0.75 6.90
C VAL A 98 -5.13 0.98 8.38
N ALA A 99 -5.84 2.05 8.70
CA ALA A 99 -6.12 2.41 10.09
C ALA A 99 -6.98 1.36 10.80
N TYR A 100 -6.76 1.23 12.11
CA TYR A 100 -7.71 0.57 13.02
C TYR A 100 -8.00 -0.89 12.67
N GLN A 101 -6.95 -1.70 12.58
CA GLN A 101 -7.11 -3.09 12.12
C GLN A 101 -7.84 -4.00 13.11
N ARG A 102 -7.93 -3.60 14.37
CA ARG A 102 -8.77 -4.33 15.34
CA ARG A 102 -8.75 -4.36 15.31
C ARG A 102 -10.25 -4.29 14.97
N LEU A 103 -10.65 -3.38 14.08
CA LEU A 103 -12.01 -3.42 13.54
C LEU A 103 -12.31 -4.74 12.84
N PHE A 104 -11.30 -5.38 12.27
CA PHE A 104 -11.48 -6.55 11.40
C PHE A 104 -11.23 -7.89 12.08
N HIS A 105 -10.42 -7.89 13.14
CA HIS A 105 -10.06 -9.11 13.85
C HIS A 105 -9.49 -8.70 15.21
N PRO A 106 -9.74 -9.48 16.27
CA PRO A 106 -9.20 -9.07 17.58
C PRO A 106 -7.68 -8.88 17.69
N GLU A 107 -6.91 -9.61 16.91
CA GLU A 107 -5.45 -9.48 16.92
C GLU A 107 -4.98 -8.31 16.07
N GLY A 108 -5.86 -7.77 15.22
CA GLY A 108 -5.60 -6.55 14.45
C GLY A 108 -4.22 -6.53 13.80
N GLU A 109 -3.49 -5.44 14.06
CA GLU A 109 -2.20 -5.19 13.42
C GLU A 109 -1.16 -6.26 13.72
N LEU A 110 -1.22 -6.88 14.91
CA LEU A 110 -0.22 -7.90 15.25
C LEU A 110 -0.33 -9.12 14.33
N ALA A 111 -1.56 -9.54 14.03
CA ALA A 111 -1.78 -10.66 13.11
C ALA A 111 -1.22 -10.34 11.72
N VAL A 112 -1.51 -9.14 11.24
CA VAL A 112 -1.09 -8.79 9.88
C VAL A 112 0.44 -8.66 9.83
N ALA A 113 1.02 -8.00 10.82
CA ALA A 113 2.47 -7.80 10.86
C ALA A 113 3.24 -9.11 10.94
N ARG A 114 2.73 -10.04 11.73
CA ARG A 114 3.35 -11.37 11.86
C ARG A 114 3.36 -12.12 10.52
N ALA A 115 2.22 -12.11 9.83
CA ALA A 115 2.12 -12.76 8.53
C ALA A 115 3.02 -12.08 7.49
N ALA A 116 3.05 -10.74 7.49
CA ALA A 116 3.93 -10.00 6.58
C ALA A 116 5.39 -10.33 6.83
N ARG A 117 5.80 -10.32 8.10
CA ARG A 117 7.15 -10.72 8.47
C ARG A 117 7.50 -12.10 7.93
N ASP A 118 6.60 -13.06 8.16
CA ASP A 118 6.88 -14.44 7.77
C ASP A 118 6.97 -14.59 6.25
N ALA A 119 6.21 -13.76 5.52
CA ALA A 119 6.22 -13.76 4.05
C ALA A 119 7.34 -12.92 3.43
N GLY A 120 8.08 -12.17 4.23
CA GLY A 120 9.15 -11.33 3.74
C GLY A 120 8.67 -10.06 3.04
N VAL A 121 7.51 -9.57 3.42
CA VAL A 121 6.83 -8.40 2.84
CA VAL A 121 7.02 -8.33 2.83
C VAL A 121 6.87 -7.25 3.87
N PRO A 122 7.28 -6.02 3.50
CA PRO A 122 7.16 -4.94 4.47
C PRO A 122 5.72 -4.66 4.89
N TYR A 123 5.56 -4.25 6.15
CA TYR A 123 4.28 -3.90 6.74
C TYR A 123 4.31 -2.44 7.14
N THR A 124 3.30 -1.68 6.73
CA THR A 124 3.26 -0.27 7.08
C THR A 124 2.42 -0.05 8.33
N ILE A 125 3.09 0.34 9.42
CA ILE A 125 2.41 0.66 10.68
C ILE A 125 1.76 2.04 10.55
N CYS A 126 0.51 2.14 10.95
CA CYS A 126 -0.24 3.40 10.82
C CYS A 126 -0.13 4.31 12.01
N THR A 127 -0.16 5.61 11.76
CA THR A 127 -0.37 6.60 12.82
C THR A 127 -1.62 6.27 13.64
N LEU A 128 -2.68 5.84 12.97
CA LEU A 128 -3.94 5.46 13.61
C LEU A 128 -4.05 3.94 13.81
N SER A 129 -2.94 3.31 14.19
CA SER A 129 -2.97 1.89 14.53
C SER A 129 -3.75 1.67 15.84
N SER A 130 -4.46 0.55 15.89
CA SER A 130 -5.21 0.15 17.10
C SER A 130 -4.38 -0.68 18.09
N VAL A 131 -3.13 -0.92 17.75
CA VAL A 131 -2.09 -1.44 18.66
C VAL A 131 -0.90 -0.47 18.53
N SER A 132 -0.16 -0.23 19.61
CA SER A 132 0.91 0.75 19.55
C SER A 132 1.99 0.39 18.54
N LEU A 133 2.60 1.42 17.93
CA LEU A 133 3.62 1.18 16.94
C LEU A 133 4.80 0.39 17.51
N GLU A 134 5.12 0.58 18.80
CA GLU A 134 6.24 -0.15 19.39
C GLU A 134 5.93 -1.65 19.49
N GLU A 135 4.70 -1.99 19.87
CA GLU A 135 4.27 -3.40 19.91
C GLU A 135 4.32 -4.03 18.53
N ILE A 136 3.85 -3.30 17.51
CA ILE A 136 3.83 -3.87 16.17
C ILE A 136 5.26 -4.00 15.66
N ALA A 137 6.12 -3.03 15.92
CA ALA A 137 7.51 -3.11 15.50
C ALA A 137 8.26 -4.30 16.16
N ALA A 138 7.88 -4.60 17.40
CA ALA A 138 8.50 -5.72 18.13
C ALA A 138 8.23 -7.09 17.49
N VAL A 139 7.19 -7.19 16.68
CA VAL A 139 6.96 -8.38 15.87
C VAL A 139 8.16 -8.72 14.98
N GLY A 140 8.90 -7.70 14.54
CA GLY A 140 10.05 -7.88 13.69
C GLY A 140 9.69 -7.61 12.24
N GLY A 141 10.39 -8.27 11.33
CA GLY A 141 10.15 -8.07 9.90
C GLY A 141 10.71 -6.75 9.42
N ARG A 142 10.01 -6.16 8.46
CA ARG A 142 10.40 -4.89 7.87
CA ARG A 142 10.40 -4.90 7.84
C ARG A 142 9.29 -3.88 8.09
N PRO A 143 9.22 -3.32 9.32
CA PRO A 143 8.16 -2.35 9.52
C PRO A 143 8.53 -0.99 8.92
N TRP A 144 7.56 -0.42 8.20
CA TRP A 144 7.59 0.99 7.83
C TRP A 144 6.58 1.71 8.72
N PHE A 145 6.65 3.04 8.78
CA PHE A 145 5.71 3.81 9.59
C PHE A 145 5.04 4.89 8.75
N GLN A 146 3.72 4.90 8.77
CA GLN A 146 2.93 5.90 8.04
C GLN A 146 2.61 7.05 8.98
N LEU A 147 2.91 8.27 8.53
CA LEU A 147 2.70 9.49 9.28
C LEU A 147 1.54 10.30 8.76
N PHE A 148 0.63 10.70 9.65
CA PHE A 148 -0.26 11.84 9.41
C PHE A 148 0.31 13.06 10.14
N TRP A 149 0.26 14.19 9.48
CA TRP A 149 0.65 15.48 10.08
C TRP A 149 -0.43 15.95 11.06
N LEU A 150 -0.02 16.36 12.24
CA LEU A 150 -0.99 16.74 13.25
C LEU A 150 -0.95 18.25 13.50
N ARG A 151 -2.09 18.80 13.95
CA ARG A 151 -2.22 20.21 14.35
C ARG A 151 -1.06 20.58 15.25
N ASP A 152 -0.80 19.70 16.22
CA ASP A 152 0.35 19.83 17.11
C ASP A 152 1.54 19.23 16.36
N GLU A 153 2.39 20.08 15.79
CA GLU A 153 3.57 19.64 15.02
C GLU A 153 4.52 18.71 15.80
N LYS A 154 4.83 19.09 17.03
CA LYS A 154 5.76 18.31 17.87
C LYS A 154 5.30 16.87 18.04
N ARG A 155 3.98 16.69 18.11
CA ARG A 155 3.34 15.36 18.12
C ARG A 155 3.75 14.53 16.89
N SER A 156 3.69 15.16 15.70
CA SER A 156 4.12 14.55 14.43
CA SER A 156 4.09 14.47 14.47
C SER A 156 5.57 14.10 14.48
N LEU A 157 6.46 15.02 14.84
CA LEU A 157 7.89 14.74 14.88
C LEU A 157 8.24 13.72 15.98
N ASP A 158 7.49 13.72 17.08
CA ASP A 158 7.64 12.71 18.13
C ASP A 158 7.28 11.31 17.62
N LEU A 159 6.21 11.20 16.82
CA LEU A 159 5.82 9.93 16.23
C LEU A 159 6.95 9.44 15.33
N VAL A 160 7.54 10.34 14.55
CA VAL A 160 8.63 9.98 13.67
C VAL A 160 9.80 9.42 14.49
N ARG A 161 10.17 10.11 15.56
CA ARG A 161 11.27 9.66 16.42
C ARG A 161 10.93 8.32 17.09
N ARG A 162 9.69 8.16 17.56
CA ARG A 162 9.24 6.88 18.12
C ARG A 162 9.39 5.74 17.13
N ALA A 163 8.95 5.99 15.90
CA ALA A 163 9.02 5.00 14.84
C ALA A 163 10.47 4.60 14.56
N GLU A 164 11.34 5.60 14.43
CA GLU A 164 12.75 5.34 14.19
C GLU A 164 13.41 4.57 15.35
N ASP A 165 13.12 5.01 16.58
CA ASP A 165 13.63 4.33 17.79
C ASP A 165 13.19 2.87 17.85
N ALA A 166 11.97 2.58 17.37
CA ALA A 166 11.42 1.22 17.40
C ALA A 166 11.89 0.33 16.24
N GLY A 167 12.72 0.86 15.34
CA GLY A 167 13.29 0.09 14.24
C GLY A 167 12.53 0.14 12.92
N CYS A 168 11.62 1.10 12.76
CA CYS A 168 10.96 1.27 11.46
C CYS A 168 12.00 1.75 10.46
N GLU A 169 11.84 1.32 9.22
N GLU A 169 11.88 1.31 9.22
CA GLU A 169 12.84 1.49 8.17
CA GLU A 169 12.92 1.57 8.21
C GLU A 169 12.57 2.62 7.19
C GLU A 169 12.53 2.56 7.10
N ALA A 170 11.34 3.14 7.19
CA ALA A 170 10.94 4.21 6.27
C ALA A 170 9.78 4.95 6.88
N ILE A 171 9.67 6.24 6.56
CA ILE A 171 8.55 7.06 6.97
C ILE A 171 7.69 7.30 5.74
N VAL A 172 6.48 6.75 5.77
CA VAL A 172 5.52 6.92 4.67
C VAL A 172 4.62 8.07 5.07
N PHE A 173 4.92 9.26 4.55
CA PHE A 173 4.20 10.48 4.92
C PHE A 173 3.00 10.57 3.97
N THR A 174 1.80 10.44 4.51
CA THR A 174 0.60 10.51 3.70
C THR A 174 0.31 11.99 3.46
N VAL A 175 0.27 12.37 2.18
CA VAL A 175 0.18 13.79 1.80
C VAL A 175 -1.14 14.16 1.16
N ASP A 176 -2.09 13.23 1.10
CA ASP A 176 -3.38 13.47 0.43
C ASP A 176 -4.56 13.58 1.38
N VAL A 177 -4.27 13.77 2.67
CA VAL A 177 -5.30 13.87 3.71
C VAL A 177 -5.09 15.17 4.51
N PRO A 178 -5.35 16.33 3.87
CA PRO A 178 -5.44 17.54 4.71
C PRO A 178 -6.59 17.42 5.70
N TRP A 179 -7.62 16.69 5.30
CA TRP A 179 -8.69 16.20 6.15
C TRP A 179 -9.25 14.94 5.48
N MET A 180 -10.05 14.18 6.21
CA MET A 180 -10.69 12.97 5.68
C MET A 180 -11.75 13.33 4.63
N GLY A 181 -11.79 12.58 3.55
CA GLY A 181 -12.80 12.73 2.52
C GLY A 181 -14.20 12.43 3.03
N ARG A 182 -15.18 12.66 2.18
CA ARG A 182 -16.60 12.48 2.51
C ARG A 182 -16.99 11.05 2.17
N ARG A 183 -16.97 10.18 3.18
N ARG A 183 -16.91 10.14 3.14
CA ARG A 183 -17.30 8.77 3.06
CA ARG A 183 -17.27 8.74 2.90
C ARG A 183 -18.80 8.59 3.26
C ARG A 183 -18.74 8.54 3.23
N LEU A 184 -19.57 8.56 2.17
CA LEU A 184 -21.03 8.55 2.30
C LEU A 184 -21.59 7.28 2.92
N ARG A 185 -20.91 6.15 2.75
CA ARG A 185 -21.33 4.93 3.45
C ARG A 185 -21.25 5.11 4.95
N ASP A 186 -20.15 5.69 5.43
CA ASP A 186 -19.95 5.93 6.86
C ASP A 186 -20.97 6.92 7.41
N MET A 187 -21.25 7.97 6.64
CA MET A 187 -22.26 8.97 7.02
C MET A 187 -23.65 8.34 7.11
N ARG A 188 -24.02 7.54 6.11
CA ARG A 188 -25.34 6.90 6.08
C ARG A 188 -25.50 5.83 7.17
N ASN A 189 -24.42 5.10 7.47
CA ASN A 189 -24.43 4.11 8.54
C ASN A 189 -24.30 4.72 9.94
N GLY A 190 -23.93 6.00 10.03
CA GLY A 190 -23.62 6.63 11.31
C GLY A 190 -22.43 5.96 11.97
N PHE A 191 -21.42 5.63 11.18
CA PHE A 191 -20.32 4.80 11.63
C PHE A 191 -19.43 5.53 12.63
N ALA A 192 -19.10 4.85 13.72
CA ALA A 192 -18.15 5.32 14.70
C ALA A 192 -17.34 4.14 15.19
N LEU A 193 -16.15 4.41 15.70
CA LEU A 193 -15.31 3.35 16.27
C LEU A 193 -16.04 2.72 17.44
N PRO A 194 -16.05 1.38 17.52
CA PRO A 194 -16.47 0.77 18.77
C PRO A 194 -15.59 1.24 19.93
N GLU A 195 -16.15 1.26 21.13
CA GLU A 195 -15.38 1.65 22.33
C GLU A 195 -14.10 0.82 22.52
N TRP A 196 -14.12 -0.43 22.04
CA TRP A 196 -12.97 -1.33 22.15
C TRP A 196 -11.86 -1.11 21.10
N VAL A 197 -12.04 -0.19 20.15
CA VAL A 197 -10.99 0.18 19.19
C VAL A 197 -10.56 1.62 19.44
N THR A 198 -9.28 1.84 19.67
CA THR A 198 -8.74 3.19 19.88
C THR A 198 -7.50 3.42 19.03
N ALA A 199 -7.13 4.69 18.92
CA ALA A 199 -5.85 5.09 18.32
C ALA A 199 -4.75 4.91 19.37
N ALA A 200 -4.15 3.73 19.36
CA ALA A 200 -3.24 3.31 20.43
C ALA A 200 -1.91 4.05 20.53
N ASN A 201 -1.53 4.82 19.49
CA ASN A 201 -0.34 5.66 19.57
C ASN A 201 -0.55 6.95 20.35
N PHE A 202 -1.79 7.23 20.76
CA PHE A 202 -2.15 8.47 21.48
C PHE A 202 -2.73 8.15 22.86
N ASP A 203 -2.68 9.12 23.75
CA ASP A 203 -3.20 8.98 25.13
C ASP A 203 -4.42 9.87 25.36
N GLU A 225 -8.07 16.56 14.63
CA GLU A 225 -6.68 16.64 15.04
C GLU A 225 -5.69 16.73 13.86
N PHE A 226 -6.19 16.53 12.63
CA PHE A 226 -5.40 16.70 11.40
C PHE A 226 -5.02 18.14 11.17
N ALA A 227 -3.78 18.37 10.73
CA ALA A 227 -3.42 19.61 10.07
C ALA A 227 -3.02 19.27 8.64
N PRO A 228 -3.36 20.15 7.68
CA PRO A 228 -2.83 19.92 6.36
C PRO A 228 -1.29 19.96 6.35
N ALA A 229 -0.69 18.93 5.77
CA ALA A 229 0.76 18.92 5.53
C ALA A 229 1.09 19.81 4.35
N THR A 230 2.27 20.42 4.39
CA THR A 230 2.81 21.20 3.29
C THR A 230 4.23 20.74 2.98
N TRP A 231 4.83 21.31 1.94
CA TRP A 231 6.23 21.05 1.62
C TRP A 231 7.17 21.40 2.81
N GLU A 232 6.79 22.40 3.60
CA GLU A 232 7.55 22.72 4.81
CA GLU A 232 7.49 22.75 4.85
C GLU A 232 7.51 21.56 5.82
N SER A 233 6.35 20.90 5.94
CA SER A 233 6.22 19.73 6.81
C SER A 233 7.15 18.60 6.36
N VAL A 234 7.19 18.36 5.04
CA VAL A 234 8.09 17.36 4.47
C VAL A 234 9.54 17.65 4.84
N GLU A 235 9.95 18.91 4.73
CA GLU A 235 11.32 19.29 5.07
C GLU A 235 11.60 19.07 6.55
N ALA A 236 10.63 19.38 7.41
CA ALA A 236 10.79 19.18 8.86
C ALA A 236 10.99 17.71 9.18
N VAL A 237 10.25 16.83 8.49
CA VAL A 237 10.41 15.40 8.70
C VAL A 237 11.75 14.94 8.18
N ARG A 238 12.12 15.35 6.96
CA ARG A 238 13.40 14.99 6.36
C ARG A 238 14.59 15.39 7.25
N ALA A 239 14.52 16.58 7.84
CA ALA A 239 15.57 17.06 8.76
C ALA A 239 15.62 16.32 10.10
N HIS A 240 14.52 15.69 10.50
CA HIS A 240 14.40 15.04 11.81
C HIS A 240 14.74 13.54 11.78
N THR A 241 15.00 12.95 10.60
CA THR A 241 15.24 11.51 10.51
C THR A 241 16.30 11.17 9.48
N ASP A 242 17.02 10.07 9.74
CA ASP A 242 17.90 9.48 8.75
C ASP A 242 17.16 8.49 7.85
N LEU A 243 15.91 8.18 8.17
CA LEU A 243 15.16 7.21 7.37
C LEU A 243 14.70 7.80 6.05
N PRO A 244 14.54 6.95 5.02
CA PRO A 244 13.94 7.46 3.79
C PRO A 244 12.50 7.92 4.03
N VAL A 245 12.18 9.06 3.45
CA VAL A 245 10.84 9.62 3.53
C VAL A 245 10.15 9.35 2.20
N VAL A 246 8.96 8.76 2.30
CA VAL A 246 8.20 8.32 1.13
C VAL A 246 6.89 9.08 1.13
N LEU A 247 6.60 9.85 0.08
CA LEU A 247 5.38 10.66 0.06
C LEU A 247 4.27 9.88 -0.61
N LYS A 248 3.22 9.59 0.14
CA LYS A 248 2.13 8.74 -0.32
C LYS A 248 0.92 9.60 -0.67
N GLY A 249 0.43 9.44 -1.90
CA GLY A 249 -0.70 10.22 -2.41
C GLY A 249 -0.35 11.22 -3.49
N ILE A 250 0.77 11.03 -4.18
CA ILE A 250 1.20 11.90 -5.27
C ILE A 250 0.51 11.45 -6.54
N LEU A 251 -0.12 12.38 -7.27
CA LEU A 251 -0.70 12.08 -8.59
C LEU A 251 -0.21 13.00 -9.72
N ALA A 252 0.16 14.24 -9.41
CA ALA A 252 0.61 15.18 -10.43
C ALA A 252 2.09 14.97 -10.72
N VAL A 253 2.45 15.03 -12.00
CA VAL A 253 3.81 14.80 -12.41
C VAL A 253 4.74 15.81 -11.75
N GLU A 254 4.34 17.07 -11.68
CA GLU A 254 5.20 18.05 -11.05
C GLU A 254 5.36 17.84 -9.55
N ASP A 255 4.35 17.29 -8.88
CA ASP A 255 4.51 16.93 -7.48
C ASP A 255 5.50 15.78 -7.31
N ALA A 256 5.53 14.84 -8.25
CA ALA A 256 6.55 13.77 -8.22
C ALA A 256 7.95 14.36 -8.39
N ARG A 257 8.10 15.28 -9.34
CA ARG A 257 9.38 15.96 -9.51
C ARG A 257 9.81 16.71 -8.28
N ARG A 258 8.87 17.46 -7.71
CA ARG A 258 9.15 18.21 -6.50
C ARG A 258 9.52 17.30 -5.33
N ALA A 259 8.89 16.13 -5.24
CA ALA A 259 9.22 15.16 -4.19
C ALA A 259 10.68 14.75 -4.27
N VAL A 260 11.18 14.52 -5.48
CA VAL A 260 12.58 14.17 -5.66
C VAL A 260 13.47 15.33 -5.23
N ASP A 261 13.12 16.53 -5.69
CA ASP A 261 13.87 17.75 -5.34
C ASP A 261 13.88 18.00 -3.83
N ALA A 262 12.78 17.63 -3.15
CA ALA A 262 12.62 17.76 -1.71
C ALA A 262 13.39 16.70 -0.90
N GLY A 263 14.00 15.73 -1.56
CA GLY A 263 14.81 14.73 -0.89
C GLY A 263 14.04 13.48 -0.49
N ALA A 264 12.84 13.30 -1.05
CA ALA A 264 12.12 12.05 -0.81
C ALA A 264 12.88 10.84 -1.35
N GLY A 265 12.87 9.75 -0.58
CA GLY A 265 13.42 8.48 -1.03
C GLY A 265 12.46 7.68 -1.90
N GLY A 266 11.18 8.04 -1.84
CA GLY A 266 10.18 7.38 -2.64
C GLY A 266 8.90 8.17 -2.65
N ILE A 267 8.00 7.76 -3.56
CA ILE A 267 6.65 8.25 -3.59
C ILE A 267 5.72 7.06 -3.79
N VAL A 268 4.48 7.20 -3.34
CA VAL A 268 3.44 6.25 -3.70
C VAL A 268 2.41 7.02 -4.52
N VAL A 269 2.29 6.61 -5.77
CA VAL A 269 1.36 7.19 -6.71
C VAL A 269 0.00 6.56 -6.41
N SER A 270 -0.96 7.37 -5.99
CA SER A 270 -2.11 6.87 -5.24
C SER A 270 -3.21 7.90 -5.17
N ASN A 271 -4.45 7.45 -5.28
CA ASN A 271 -5.61 8.28 -4.94
C ASN A 271 -6.26 7.82 -3.62
N HIS A 272 -5.46 7.16 -2.76
CA HIS A 272 -5.93 6.75 -1.43
C HIS A 272 -7.09 5.75 -1.55
N GLY A 273 -7.01 4.84 -2.52
CA GLY A 273 -8.04 3.83 -2.68
C GLY A 273 -9.41 4.41 -2.95
N GLY A 274 -9.45 5.58 -3.58
CA GLY A 274 -10.71 6.24 -3.89
C GLY A 274 -11.43 6.80 -2.69
N ARG A 275 -10.72 7.02 -1.58
CA ARG A 275 -11.33 7.46 -0.32
C ARG A 275 -11.17 8.94 -0.02
N GLN A 276 -10.40 9.67 -0.84
CA GLN A 276 -10.12 11.08 -0.60
C GLN A 276 -10.85 11.94 -1.64
N LEU A 277 -10.18 12.48 -2.66
CA LEU A 277 -10.93 13.26 -3.67
C LEU A 277 -11.69 12.30 -4.58
N ASP A 278 -13.01 12.40 -4.62
CA ASP A 278 -13.84 11.62 -5.53
C ASP A 278 -13.72 12.27 -6.91
N GLY A 279 -13.21 11.52 -7.87
CA GLY A 279 -12.87 12.08 -9.19
C GLY A 279 -11.37 12.24 -9.38
N ALA A 280 -10.55 11.96 -8.36
CA ALA A 280 -9.10 11.88 -8.55
C ALA A 280 -8.75 10.75 -9.49
N VAL A 281 -7.87 11.05 -10.44
CA VAL A 281 -7.32 10.07 -11.35
C VAL A 281 -6.71 8.87 -10.60
N PRO A 282 -6.87 7.65 -11.14
CA PRO A 282 -6.13 6.52 -10.57
C PRO A 282 -4.62 6.68 -10.66
N GLY A 283 -3.91 6.27 -9.62
CA GLY A 283 -2.47 6.26 -9.65
C GLY A 283 -1.89 5.50 -10.84
N ILE A 284 -2.48 4.35 -11.16
CA ILE A 284 -1.99 3.54 -12.26
CA ILE A 284 -2.02 3.51 -12.28
C ILE A 284 -1.98 4.31 -13.60
N GLU A 285 -2.90 5.27 -13.76
CA GLU A 285 -2.96 6.09 -14.99
C GLU A 285 -1.89 7.15 -15.06
N MET A 286 -1.35 7.57 -13.92
CA MET A 286 -0.27 8.56 -13.86
C MET A 286 1.11 7.96 -13.75
N LEU A 287 1.16 6.66 -13.45
CA LEU A 287 2.41 6.00 -13.08
C LEU A 287 3.48 6.10 -14.16
N GLY A 288 3.15 5.81 -15.41
CA GLY A 288 4.15 5.79 -16.46
C GLY A 288 4.78 7.16 -16.64
N GLU A 289 3.93 8.18 -16.69
CA GLU A 289 4.39 9.55 -16.85
C GLU A 289 5.28 10.00 -15.68
N ILE A 290 4.90 9.60 -14.46
CA ILE A 290 5.67 9.90 -13.28
C ILE A 290 7.02 9.19 -13.27
N VAL A 291 7.02 7.91 -13.64
CA VAL A 291 8.28 7.17 -13.70
C VAL A 291 9.26 7.83 -14.67
N ALA A 292 8.76 8.24 -15.83
CA ALA A 292 9.60 8.93 -16.80
C ALA A 292 10.13 10.25 -16.25
N ALA A 293 9.28 11.02 -15.57
CA ALA A 293 9.68 12.33 -15.04
C ALA A 293 10.70 12.27 -13.91
N VAL A 294 10.61 11.27 -13.03
N VAL A 294 10.64 11.16 -13.17
CA VAL A 294 11.54 11.27 -11.86
CA VAL A 294 11.54 10.90 -12.06
C VAL A 294 12.90 10.73 -12.23
C VAL A 294 12.94 10.43 -12.54
N SER A 295 12.91 9.96 -13.34
N SER A 295 13.08 9.80 -13.72
CA SER A 295 14.10 9.39 -14.01
CA SER A 295 14.44 9.46 -14.18
C SER A 295 15.14 8.79 -13.08
C SER A 295 15.25 8.79 -13.05
N GLY A 296 14.64 7.84 -12.30
CA GLY A 296 15.40 7.11 -11.30
C GLY A 296 15.75 7.84 -10.02
N GLY A 297 15.22 9.05 -9.82
CA GLY A 297 15.57 9.87 -8.67
C GLY A 297 15.01 9.41 -7.33
N CYS A 298 13.98 8.58 -7.36
CA CYS A 298 13.43 7.96 -6.15
C CYS A 298 12.67 6.70 -6.54
N GLU A 299 12.32 5.90 -5.55
CA GLU A 299 11.47 4.72 -5.76
C GLU A 299 10.07 5.22 -6.07
N VAL A 300 9.40 4.59 -7.03
CA VAL A 300 8.04 4.96 -7.37
C VAL A 300 7.14 3.76 -7.18
N LEU A 301 6.36 3.81 -6.11
CA LEU A 301 5.36 2.78 -5.82
C LEU A 301 4.00 3.23 -6.31
N VAL A 302 3.08 2.30 -6.39
CA VAL A 302 1.70 2.59 -6.78
C VAL A 302 0.77 1.76 -5.93
N ASP A 303 -0.44 2.26 -5.72
CA ASP A 303 -1.48 1.44 -5.13
C ASP A 303 -2.84 1.75 -5.69
N GLY A 304 -3.85 1.03 -5.24
CA GLY A 304 -5.21 1.21 -5.68
C GLY A 304 -5.64 0.08 -6.57
N GLY A 305 -6.44 -0.84 -6.04
CA GLY A 305 -7.06 -1.89 -6.83
C GLY A 305 -6.22 -3.07 -7.20
N ILE A 306 -5.04 -3.26 -6.60
CA ILE A 306 -4.24 -4.44 -6.90
C ILE A 306 -4.96 -5.65 -6.29
N ARG A 307 -5.36 -6.59 -7.15
CA ARG A 307 -6.18 -7.75 -6.71
C ARG A 307 -5.64 -9.08 -7.22
N SER A 308 -4.42 -9.10 -7.74
CA SER A 308 -3.81 -10.33 -8.21
C SER A 308 -2.34 -10.12 -8.52
N GLY A 309 -1.62 -11.23 -8.65
CA GLY A 309 -0.26 -11.19 -9.16
C GLY A 309 -0.17 -10.62 -10.56
N GLY A 310 -1.18 -10.87 -11.39
CA GLY A 310 -1.23 -10.23 -12.68
C GLY A 310 -1.30 -8.72 -12.61
N ASP A 311 -2.05 -8.19 -11.64
CA ASP A 311 -2.09 -6.74 -11.43
C ASP A 311 -0.72 -6.21 -10.97
N VAL A 312 -0.02 -6.96 -10.13
CA VAL A 312 1.34 -6.60 -9.75
C VAL A 312 2.23 -6.53 -10.99
N LEU A 313 2.12 -7.51 -11.87
CA LEU A 313 2.86 -7.50 -13.11
C LEU A 313 2.55 -6.26 -13.94
N LYS A 314 1.27 -5.93 -14.07
CA LYS A 314 0.88 -4.74 -14.81
C LYS A 314 1.52 -3.48 -14.23
N ALA A 315 1.46 -3.35 -12.91
CA ALA A 315 2.05 -2.17 -12.23
C ALA A 315 3.54 -2.10 -12.50
N THR A 316 4.22 -3.24 -12.43
CA THR A 316 5.65 -3.32 -12.65
CA THR A 316 5.67 -3.24 -12.66
C THR A 316 5.96 -2.94 -14.12
N ALA A 317 5.18 -3.48 -15.04
CA ALA A 317 5.36 -3.20 -16.47
C ALA A 317 5.15 -1.73 -16.79
N LEU A 318 4.29 -1.05 -16.03
CA LEU A 318 4.11 0.40 -16.17
C LEU A 318 5.20 1.21 -15.46
N GLY A 319 6.08 0.56 -14.72
CA GLY A 319 7.28 1.18 -14.19
C GLY A 319 7.39 1.22 -12.68
N ALA A 320 6.41 0.68 -11.95
CA ALA A 320 6.46 0.71 -10.48
C ALA A 320 7.63 -0.10 -9.94
N SER A 321 8.22 0.43 -8.88
CA SER A 321 9.23 -0.28 -8.08
C SER A 321 8.57 -1.40 -7.26
N ALA A 322 7.36 -1.12 -6.80
CA ALA A 322 6.59 -2.02 -5.94
C ALA A 322 5.19 -1.47 -5.83
N VAL A 323 4.29 -2.30 -5.32
CA VAL A 323 2.90 -1.90 -5.09
C VAL A 323 2.58 -1.95 -3.60
N LEU A 324 1.55 -1.24 -3.19
CA LEU A 324 0.91 -1.48 -1.89
C LEU A 324 -0.41 -2.17 -2.10
N VAL A 325 -0.79 -3.03 -1.16
CA VAL A 325 -2.07 -3.72 -1.19
C VAL A 325 -2.78 -3.43 0.13
N GLY A 326 -4.02 -2.93 0.06
CA GLY A 326 -4.79 -2.54 1.23
C GLY A 326 -5.92 -3.47 1.52
N ARG A 327 -7.06 -3.25 0.89
CA ARG A 327 -8.29 -3.98 1.23
C ARG A 327 -8.14 -5.50 1.24
N PRO A 328 -7.46 -6.12 0.26
CA PRO A 328 -7.37 -7.59 0.29
C PRO A 328 -6.70 -8.14 1.54
N VAL A 329 -5.74 -7.41 2.08
CA VAL A 329 -5.04 -7.85 3.30
C VAL A 329 -6.05 -7.86 4.46
N MET A 330 -6.93 -6.87 4.51
CA MET A 330 -7.94 -6.80 5.55
C MET A 330 -9.02 -7.84 5.35
N TRP A 331 -9.36 -8.18 4.10
CA TRP A 331 -10.30 -9.30 3.86
C TRP A 331 -9.76 -10.58 4.48
N ALA A 332 -8.48 -10.84 4.26
CA ALA A 332 -7.83 -12.06 4.78
C ALA A 332 -7.79 -12.05 6.30
N LEU A 333 -7.44 -10.91 6.87
CA LEU A 333 -7.45 -10.73 8.32
C LEU A 333 -8.83 -11.01 8.90
N ALA A 334 -9.87 -10.43 8.31
CA ALA A 334 -11.24 -10.64 8.76
C ALA A 334 -11.66 -12.09 8.65
N ALA A 335 -11.31 -12.72 7.54
CA ALA A 335 -11.73 -14.09 7.24
C ALA A 335 -11.08 -15.13 8.15
N ALA A 336 -9.79 -14.94 8.46
CA ALA A 336 -9.04 -15.99 9.16
C ALA A 336 -7.81 -15.54 9.92
N GLY A 337 -7.77 -14.28 10.35
CA GLY A 337 -6.70 -13.77 11.19
C GLY A 337 -5.32 -13.89 10.56
N GLN A 338 -4.31 -14.17 11.38
CA GLN A 338 -2.94 -14.29 10.89
C GLN A 338 -2.81 -15.34 9.79
N ASP A 339 -3.43 -16.50 9.99
CA ASP A 339 -3.36 -17.57 8.99
CA ASP A 339 -3.33 -17.57 9.00
C ASP A 339 -3.97 -17.14 7.67
N GLY A 340 -5.05 -16.37 7.73
CA GLY A 340 -5.69 -15.82 6.55
C GLY A 340 -4.75 -14.92 5.78
N VAL A 341 -4.09 -14.01 6.49
CA VAL A 341 -3.12 -13.12 5.84
C VAL A 341 -1.97 -13.92 5.25
N ARG A 342 -1.46 -14.92 5.98
CA ARG A 342 -0.43 -15.81 5.44
C ARG A 342 -0.87 -16.43 4.11
N GLN A 343 -2.08 -16.97 4.09
CA GLN A 343 -2.59 -17.62 2.89
C GLN A 343 -2.72 -16.64 1.72
N LEU A 344 -3.20 -15.43 2.01
N LEU A 344 -3.19 -15.43 2.02
CA LEU A 344 -3.28 -14.38 0.99
CA LEU A 344 -3.30 -14.39 0.99
C LEU A 344 -1.90 -14.10 0.38
C LEU A 344 -1.94 -14.03 0.40
N LEU A 345 -0.92 -13.89 1.25
CA LEU A 345 0.43 -13.56 0.78
C LEU A 345 1.09 -14.70 0.02
N GLU A 346 0.80 -15.94 0.42
CA GLU A 346 1.28 -17.10 -0.33
C GLU A 346 0.61 -17.18 -1.71
N LEU A 347 -0.68 -16.91 -1.76
CA LEU A 347 -1.41 -16.86 -3.04
C LEU A 347 -0.85 -15.77 -3.95
N LEU A 348 -0.68 -14.57 -3.40
CA LEU A 348 -0.13 -13.47 -4.19
CA LEU A 348 -0.14 -13.46 -4.17
C LEU A 348 1.26 -13.80 -4.67
N ALA A 349 2.10 -14.39 -3.83
CA ALA A 349 3.43 -14.79 -4.22
C ALA A 349 3.40 -15.77 -5.39
N GLU A 350 2.51 -16.75 -5.33
CA GLU A 350 2.39 -17.71 -6.42
C GLU A 350 1.90 -17.04 -7.69
N GLU A 351 0.92 -16.15 -7.56
CA GLU A 351 0.39 -15.45 -8.73
C GLU A 351 1.45 -14.55 -9.38
N VAL A 352 2.27 -13.89 -8.56
CA VAL A 352 3.33 -13.03 -9.09
C VAL A 352 4.38 -13.86 -9.83
N ARG A 353 4.82 -14.96 -9.23
N ARG A 353 4.82 -14.96 -9.23
CA ARG A 353 5.77 -15.85 -9.87
CA ARG A 353 5.80 -15.82 -9.89
C ARG A 353 5.24 -16.37 -11.20
C ARG A 353 5.24 -16.38 -11.20
N ASP A 354 3.99 -16.83 -11.17
CA ASP A 354 3.31 -17.37 -12.35
C ASP A 354 3.26 -16.33 -13.47
N ALA A 355 2.79 -15.14 -13.13
CA ALA A 355 2.64 -14.07 -14.13
C ALA A 355 3.98 -13.65 -14.70
N MET A 356 5.00 -13.50 -13.84
CA MET A 356 6.33 -13.11 -14.31
C MET A 356 6.92 -14.12 -15.27
N GLY A 357 6.82 -15.41 -14.93
CA GLY A 357 7.38 -16.43 -15.77
C GLY A 357 6.66 -16.59 -17.08
N LEU A 358 5.33 -16.54 -17.03
CA LEU A 358 4.55 -16.61 -18.26
C LEU A 358 4.84 -15.42 -19.18
N ALA A 359 5.22 -14.28 -18.59
CA ALA A 359 5.61 -13.09 -19.36
C ALA A 359 7.09 -13.03 -19.75
N GLY A 360 7.86 -14.08 -19.42
CA GLY A 360 9.25 -14.18 -19.77
C GLY A 360 10.21 -13.40 -18.90
N CYS A 361 9.85 -13.20 -17.65
CA CYS A 361 10.62 -12.35 -16.75
C CYS A 361 11.21 -13.14 -15.60
N GLU A 362 12.54 -13.23 -15.56
CA GLU A 362 13.23 -13.96 -14.49
C GLU A 362 13.44 -13.06 -13.27
N SER A 363 13.21 -11.77 -13.41
CA SER A 363 13.37 -10.82 -12.32
C SER A 363 12.38 -9.69 -12.44
N VAL A 364 12.18 -8.96 -11.35
CA VAL A 364 11.29 -7.81 -11.36
C VAL A 364 11.82 -6.72 -12.32
N GLY A 365 13.14 -6.56 -12.40
CA GLY A 365 13.68 -5.59 -13.37
C GLY A 365 13.27 -5.91 -14.80
N ALA A 366 13.29 -7.19 -15.17
CA ALA A 366 12.82 -7.59 -16.48
C ALA A 366 11.34 -7.28 -16.67
N ALA A 367 10.52 -7.48 -15.63
CA ALA A 367 9.12 -7.14 -15.72
C ALA A 367 8.89 -5.64 -15.96
N ARG A 368 9.75 -4.80 -15.39
CA ARG A 368 9.65 -3.36 -15.61
C ARG A 368 9.91 -2.99 -17.06
N ARG A 369 10.66 -3.81 -17.79
CA ARG A 369 10.93 -3.58 -19.21
C ARG A 369 9.87 -4.13 -20.16
N LEU A 370 8.84 -4.80 -19.64
CA LEU A 370 7.72 -5.22 -20.47
C LEU A 370 6.95 -4.04 -21.01
N ASN A 371 6.42 -4.19 -22.21
CA ASN A 371 5.48 -3.23 -22.77
C ASN A 371 4.04 -3.65 -22.50
N THR A 372 3.17 -2.66 -22.57
CA THR A 372 1.75 -2.83 -22.34
C THR A 372 0.96 -2.21 -23.50
N LYS A 373 -0.33 -2.56 -23.55
CA LYS A 373 -1.24 -2.04 -24.57
C LYS A 373 -2.61 -1.91 -23.94
N LEU A 374 -3.24 -0.75 -24.07
CA LEU A 374 -4.60 -0.60 -23.55
C LEU A 374 -5.62 -1.28 -24.43
N GLY A 375 -6.57 -1.93 -23.78
CA GLY A 375 -7.70 -2.58 -24.44
C GLY A 375 -9.01 -1.97 -24.01
N VAL A 376 -10.09 -2.74 -24.17
CA VAL A 376 -11.46 -2.32 -23.90
C VAL A 376 -12.10 -3.42 -23.07
N VAL A 377 -12.76 -3.03 -21.98
CA VAL A 377 -13.47 -4.00 -21.12
C VAL A 377 -14.90 -3.53 -20.90
#